data_8VE7
#
_entry.id   8VE7
#
_cell.length_a   1.00
_cell.length_b   1.00
_cell.length_c   1.00
_cell.angle_alpha   90.00
_cell.angle_beta   90.00
_cell.angle_gamma   90.00
#
_symmetry.space_group_name_H-M   'P 1'
#
_entity_poly.entity_id   1
_entity_poly.type   'polypeptide(L)'
_entity_poly.pdbx_seq_one_letter_code
;KDSPIIEANGTLDELTSFIGEAKHYVDEEMKGILEEIQNDIYKIMGEIGSKGKIEGISEERIAWLLKLILRYMEMVNLKS
FVLPGGTLESAKLDVCRTIARRALRKVLTVTREFGIGAEAAAYLLALSDLLFLLARVIEIELGKKLLEAARAGQDDEVRI
LMANGADVNAHDDQGSTPLHLAAWIGHPEIVEVLLKHGADVNARDTDGWTPLHLAADNGHLEIVEVLLKYGADVNAQDAY
GLTPLHLAADRGHLEIVEVLLKHGADVNAQDKFGKTAFDISIDNGNEDLAEILQ
;
_entity_poly.pdbx_strand_id   A
#
# COMPACT_ATOMS: atom_id res chain seq x y z
N LYS A 1 8.82 -6.56 -45.09
CA LYS A 1 9.16 -7.87 -45.65
C LYS A 1 9.85 -8.75 -44.62
N ASP A 2 10.75 -8.15 -43.84
CA ASP A 2 11.46 -8.91 -42.82
C ASP A 2 10.52 -9.29 -41.69
N SER A 3 10.56 -10.56 -41.29
CA SER A 3 9.69 -11.05 -40.22
C SER A 3 9.92 -10.36 -38.88
N PRO A 4 11.16 -10.18 -38.39
CA PRO A 4 11.32 -9.48 -37.10
C PRO A 4 10.74 -8.08 -37.08
N ILE A 5 10.90 -7.32 -38.16
CA ILE A 5 10.38 -5.95 -38.20
C ILE A 5 8.86 -5.95 -38.11
N ILE A 6 8.21 -6.83 -38.89
CA ILE A 6 6.76 -6.91 -38.89
C ILE A 6 6.26 -7.35 -37.52
N GLU A 7 6.93 -8.34 -36.92
CA GLU A 7 6.54 -8.79 -35.59
C GLU A 7 6.68 -7.70 -34.56
N ALA A 8 7.77 -6.94 -34.62
CA ALA A 8 7.98 -5.84 -33.67
C ALA A 8 6.92 -4.77 -33.85
N ASN A 9 6.59 -4.43 -35.10
CA ASN A 9 5.54 -3.44 -35.35
C ASN A 9 4.20 -3.91 -34.82
N GLY A 10 3.85 -5.18 -35.06
CA GLY A 10 2.60 -5.70 -34.55
C GLY A 10 2.54 -5.72 -33.04
N THR A 11 3.64 -6.11 -32.40
CA THR A 11 3.66 -6.14 -30.93
C THR A 11 3.58 -4.74 -30.36
N LEU A 12 4.26 -3.76 -30.98
CA LEU A 12 4.15 -2.38 -30.52
C LEU A 12 2.74 -1.85 -30.70
N ASP A 13 2.09 -2.19 -31.80
CA ASP A 13 0.73 -1.71 -32.02
C ASP A 13 -0.22 -2.36 -31.01
N GLU A 14 0.02 -3.63 -30.68
CA GLU A 14 -0.73 -4.25 -29.60
C GLU A 14 -0.49 -3.51 -28.29
N LEU A 15 0.75 -3.11 -28.04
CA LEU A 15 1.08 -2.37 -26.84
C LEU A 15 0.32 -1.05 -26.79
N THR A 16 0.25 -0.35 -27.91
CA THR A 16 -0.43 0.94 -27.91
C THR A 16 -1.94 0.74 -27.75
N SER A 17 -2.49 -0.35 -28.28
CA SER A 17 -3.91 -0.63 -28.04
C SER A 17 -4.17 -0.93 -26.57
N PHE A 18 -3.26 -1.68 -25.94
CA PHE A 18 -3.42 -1.96 -24.51
C PHE A 18 -3.31 -0.67 -23.69
N ILE A 19 -2.39 0.22 -24.08
CA ILE A 19 -2.31 1.51 -23.42
C ILE A 19 -3.63 2.26 -23.59
N GLY A 20 -4.21 2.16 -24.79
CA GLY A 20 -5.50 2.79 -25.02
C GLY A 20 -6.59 2.27 -24.11
N GLU A 21 -6.65 0.94 -23.93
CA GLU A 21 -7.69 0.40 -23.07
C GLU A 21 -7.43 0.76 -21.61
N ALA A 22 -6.16 0.87 -21.23
CA ALA A 22 -5.83 1.17 -19.85
C ALA A 22 -6.12 2.63 -19.51
N LYS A 23 -5.91 3.53 -20.47
CA LYS A 23 -5.97 4.96 -20.17
C LYS A 23 -7.37 5.44 -19.82
N HIS A 24 -8.35 4.55 -19.73
CA HIS A 24 -9.71 4.93 -19.36
C HIS A 24 -10.02 4.65 -17.90
N TYR A 25 -9.02 4.36 -17.08
CA TYR A 25 -9.23 4.07 -15.68
C TYR A 25 -8.44 4.99 -14.76
N VAL A 26 -7.73 5.97 -15.29
CA VAL A 26 -6.87 6.84 -14.51
C VAL A 26 -7.44 8.25 -14.52
N ASP A 27 -6.77 9.15 -13.81
CA ASP A 27 -7.20 10.53 -13.75
C ASP A 27 -6.81 11.26 -15.04
N GLU A 28 -6.91 12.58 -15.02
CA GLU A 28 -6.49 13.36 -16.17
C GLU A 28 -5.00 13.29 -16.38
N GLU A 29 -4.22 13.31 -15.30
CA GLU A 29 -2.77 13.42 -15.45
C GLU A 29 -2.17 12.18 -16.09
N MET A 30 -2.45 11.01 -15.53
CA MET A 30 -1.95 9.79 -16.16
C MET A 30 -2.56 9.58 -17.54
N LYS A 31 -3.77 10.10 -17.75
CA LYS A 31 -4.37 9.99 -19.07
C LYS A 31 -3.54 10.75 -20.11
N GLY A 32 -3.14 11.99 -19.77
CA GLY A 32 -2.30 12.74 -20.68
C GLY A 32 -0.94 12.09 -20.87
N ILE A 33 -0.37 11.57 -19.78
CA ILE A 33 0.90 10.87 -19.88
C ILE A 33 0.79 9.71 -20.86
N LEU A 34 -0.27 8.93 -20.74
CA LEU A 34 -0.45 7.79 -21.61
C LEU A 34 -0.71 8.23 -23.04
N GLU A 35 -1.38 9.36 -23.24
CA GLU A 35 -1.62 9.84 -24.60
C GLU A 35 -0.30 10.21 -25.28
N GLU A 36 0.57 10.93 -24.59
CA GLU A 36 1.85 11.26 -25.21
C GLU A 36 2.71 10.00 -25.36
N ILE A 37 2.50 9.01 -24.50
CA ILE A 37 3.18 7.73 -24.69
C ILE A 37 2.70 7.06 -25.97
N GLN A 38 1.39 7.12 -26.24
CA GLN A 38 0.87 6.63 -27.51
C GLN A 38 1.54 7.35 -28.67
N ASN A 39 1.69 8.66 -28.54
CA ASN A 39 2.35 9.42 -29.60
C ASN A 39 3.75 8.90 -29.84
N ASP A 40 4.52 8.70 -28.77
CA ASP A 40 5.90 8.23 -28.93
C ASP A 40 5.94 6.82 -29.51
N ILE A 41 5.00 5.96 -29.10
CA ILE A 41 4.97 4.60 -29.62
C ILE A 41 4.66 4.62 -31.11
N TYR A 42 3.76 5.49 -31.53
CA TYR A 42 3.48 5.62 -32.96
C TYR A 42 4.71 6.14 -33.69
N LYS A 43 5.44 7.06 -33.08
CA LYS A 43 6.69 7.52 -33.67
C LYS A 43 7.67 6.37 -33.86
N ILE A 44 7.80 5.52 -32.85
CA ILE A 44 8.71 4.38 -32.93
C ILE A 44 8.26 3.42 -34.01
N MET A 45 6.95 3.19 -34.11
CA MET A 45 6.42 2.31 -35.15
C MET A 45 6.73 2.87 -36.53
N GLY A 46 6.54 4.17 -36.72
CA GLY A 46 6.89 4.79 -37.99
C GLY A 46 8.36 4.69 -38.31
N GLU A 47 9.21 4.87 -37.29
CA GLU A 47 10.65 4.77 -37.50
C GLU A 47 11.05 3.35 -37.90
N ILE A 48 10.49 2.35 -37.22
CA ILE A 48 10.85 0.96 -37.50
C ILE A 48 10.33 0.53 -38.86
N GLY A 49 9.12 0.98 -39.22
CA GLY A 49 8.54 0.61 -40.50
C GLY A 49 9.34 1.08 -41.69
N SER A 50 10.17 2.11 -41.53
CA SER A 50 11.00 2.62 -42.60
C SER A 50 12.44 2.14 -42.50
N LYS A 51 12.73 1.19 -41.59
CA LYS A 51 14.08 0.67 -41.39
C LYS A 51 15.08 1.79 -41.07
N GLY A 52 14.63 2.75 -40.25
CA GLY A 52 15.48 3.84 -39.83
C GLY A 52 15.62 4.98 -40.81
N LYS A 53 14.92 4.92 -41.95
CA LYS A 53 14.99 6.02 -42.92
C LYS A 53 14.28 7.26 -42.40
N ILE A 54 13.20 7.09 -41.65
CA ILE A 54 12.45 8.21 -41.10
C ILE A 54 12.89 8.43 -39.65
N GLU A 55 13.21 9.68 -39.33
CA GLU A 55 13.63 10.01 -37.97
C GLU A 55 12.52 9.71 -36.98
N GLY A 56 12.89 9.09 -35.87
CA GLY A 56 11.96 8.68 -34.83
C GLY A 56 12.05 9.54 -33.60
N ILE A 57 12.02 8.89 -32.43
CA ILE A 57 11.97 9.60 -31.16
C ILE A 57 13.28 10.33 -30.92
N SER A 58 13.24 11.29 -30.00
CA SER A 58 14.44 12.03 -29.59
C SER A 58 14.77 11.74 -28.13
N GLU A 59 15.99 12.10 -27.74
CA GLU A 59 16.46 11.85 -26.39
C GLU A 59 15.69 12.63 -25.33
N GLU A 60 15.03 13.72 -25.73
CA GLU A 60 14.21 14.46 -24.79
C GLU A 60 13.07 13.61 -24.24
N ARG A 61 12.55 12.70 -25.06
CA ARG A 61 11.51 11.79 -24.58
C ARG A 61 12.05 10.89 -23.47
N ILE A 62 13.25 10.35 -23.65
CA ILE A 62 13.81 9.47 -22.63
C ILE A 62 14.13 10.25 -21.37
N ALA A 63 14.63 11.48 -21.53
CA ALA A 63 14.87 12.32 -20.36
C ALA A 63 13.57 12.59 -19.61
N TRP A 64 12.49 12.87 -20.33
CA TRP A 64 11.19 13.07 -19.71
C TRP A 64 10.73 11.82 -18.98
N LEU A 65 10.93 10.66 -19.59
CA LEU A 65 10.55 9.41 -18.94
C LEU A 65 11.35 9.19 -17.66
N LEU A 66 12.65 9.48 -17.70
CA LEU A 66 13.47 9.31 -16.50
C LEU A 66 13.03 10.29 -15.41
N LYS A 67 12.66 11.52 -15.81
CA LYS A 67 12.12 12.46 -14.85
C LYS A 67 10.88 11.90 -14.18
N LEU A 68 9.98 11.32 -14.97
CA LEU A 68 8.78 10.72 -14.38
C LEU A 68 9.15 9.55 -13.48
N ILE A 69 10.16 8.77 -13.88
CA ILE A 69 10.59 7.64 -13.06
C ILE A 69 11.00 8.13 -11.69
N LEU A 70 11.83 9.18 -11.65
CA LEU A 70 12.28 9.71 -10.36
C LEU A 70 11.11 10.28 -9.57
N ARG A 71 10.21 10.99 -10.25
CA ARG A 71 9.07 11.60 -9.58
C ARG A 71 8.21 10.56 -8.88
N TYR A 72 7.92 9.46 -9.57
CA TYR A 72 7.09 8.43 -8.96
C TYR A 72 7.91 7.51 -8.05
N MET A 73 9.24 7.54 -8.18
CA MET A 73 10.06 6.71 -7.32
C MET A 73 10.16 7.31 -5.93
N GLU A 74 10.21 8.64 -5.83
CA GLU A 74 10.28 9.26 -4.53
C GLU A 74 9.03 8.99 -3.70
N MET A 75 7.91 8.69 -4.34
CA MET A 75 6.64 8.53 -3.65
C MET A 75 6.26 7.08 -3.41
N VAL A 76 7.16 6.13 -3.67
CA VAL A 76 6.87 4.72 -3.51
C VAL A 76 7.91 4.13 -2.57
N ASN A 77 7.52 3.10 -1.81
CA ASN A 77 8.42 2.37 -0.92
C ASN A 77 8.28 0.88 -1.21
N LEU A 78 9.06 0.41 -2.19
CA LEU A 78 9.07 -1.01 -2.52
C LEU A 78 9.86 -1.78 -1.46
N LYS A 79 9.21 -2.76 -0.84
CA LYS A 79 9.83 -3.52 0.24
C LYS A 79 9.90 -5.01 -0.03
N SER A 80 8.91 -5.57 -0.72
CA SER A 80 8.92 -6.98 -1.05
C SER A 80 8.08 -7.18 -2.30
N PHE A 81 8.09 -8.41 -2.80
CA PHE A 81 7.28 -8.75 -3.97
C PHE A 81 5.80 -8.63 -3.63
N VAL A 82 5.04 -8.07 -4.56
CA VAL A 82 3.61 -7.82 -4.36
C VAL A 82 2.83 -8.52 -5.46
N LEU A 83 1.70 -9.09 -5.07
CA LEU A 83 0.88 -9.81 -6.04
C LEU A 83 0.21 -8.81 -6.98
N PRO A 84 0.45 -8.93 -8.28
CA PRO A 84 -0.13 -7.96 -9.22
C PRO A 84 -1.65 -7.98 -9.21
N GLY A 85 -2.23 -6.80 -9.43
CA GLY A 85 -3.67 -6.67 -9.53
C GLY A 85 -4.36 -6.31 -8.24
N GLY A 86 -3.77 -5.40 -7.46
CA GLY A 86 -4.44 -4.94 -6.25
C GLY A 86 -5.78 -4.30 -6.54
N THR A 87 -5.85 -3.50 -7.60
CA THR A 87 -7.09 -2.91 -8.06
C THR A 87 -7.16 -3.04 -9.58
N LEU A 88 -8.33 -2.72 -10.14
CA LEU A 88 -8.51 -2.83 -11.58
C LEU A 88 -7.49 -2.01 -12.33
N GLU A 89 -7.29 -0.75 -11.92
CA GLU A 89 -6.38 0.14 -12.62
C GLU A 89 -4.96 -0.44 -12.60
N SER A 90 -4.53 -0.90 -11.43
CA SER A 90 -3.20 -1.49 -11.33
C SER A 90 -3.07 -2.71 -12.23
N ALA A 91 -4.11 -3.55 -12.27
CA ALA A 91 -4.04 -4.73 -13.13
C ALA A 91 -3.92 -4.34 -14.60
N LYS A 92 -4.70 -3.37 -15.04
CA LYS A 92 -4.62 -2.93 -16.43
C LYS A 92 -3.22 -2.41 -16.74
N LEU A 93 -2.68 -1.58 -15.85
CA LEU A 93 -1.36 -1.01 -16.09
C LEU A 93 -0.29 -2.08 -16.12
N ASP A 94 -0.39 -3.07 -15.24
CA ASP A 94 0.63 -4.11 -15.20
C ASP A 94 0.54 -5.01 -16.43
N VAL A 95 -0.68 -5.25 -16.92
CA VAL A 95 -0.83 -5.96 -18.19
C VAL A 95 -0.13 -5.19 -19.29
N CYS A 96 -0.33 -3.88 -19.33
CA CYS A 96 0.36 -3.06 -20.31
C CYS A 96 1.87 -3.16 -20.13
N ARG A 97 2.33 -3.28 -18.89
CA ARG A 97 3.76 -3.43 -18.63
C ARG A 97 4.29 -4.71 -19.25
N THR A 98 3.56 -5.82 -19.06
CA THR A 98 4.01 -7.09 -19.63
C THR A 98 4.03 -7.03 -21.15
N ILE A 99 3.00 -6.43 -21.75
CA ILE A 99 3.00 -6.26 -23.20
C ILE A 99 4.18 -5.41 -23.64
N ALA A 100 4.51 -4.39 -22.86
CA ALA A 100 5.67 -3.56 -23.16
C ALA A 100 6.95 -4.37 -23.11
N ARG A 101 7.06 -5.29 -22.15
CA ARG A 101 8.24 -6.14 -22.10
C ARG A 101 8.32 -7.03 -23.33
N ARG A 102 7.19 -7.57 -23.77
CA ARG A 102 7.21 -8.38 -24.98
C ARG A 102 7.66 -7.56 -26.18
N ALA A 103 7.12 -6.36 -26.32
CA ALA A 103 7.52 -5.50 -27.42
C ALA A 103 8.98 -5.09 -27.30
N LEU A 104 9.47 -4.99 -26.06
CA LEU A 104 10.87 -4.65 -25.84
C LEU A 104 11.79 -5.77 -26.31
N ARG A 105 11.40 -7.02 -26.02
CA ARG A 105 12.16 -8.14 -26.53
C ARG A 105 12.14 -8.17 -28.06
N LYS A 106 10.97 -7.87 -28.65
CA LYS A 106 10.90 -7.81 -30.11
C LYS A 106 11.83 -6.74 -30.68
N VAL A 107 11.85 -5.56 -30.05
CA VAL A 107 12.70 -4.47 -30.53
C VAL A 107 14.17 -4.81 -30.34
N LEU A 108 14.50 -5.49 -29.23
CA LEU A 108 15.87 -5.93 -29.02
C LEU A 108 16.31 -6.93 -30.09
N THR A 109 15.42 -7.85 -30.46
CA THR A 109 15.74 -8.79 -31.54
C THR A 109 15.94 -8.05 -32.85
N VAL A 110 15.08 -7.06 -33.13
CA VAL A 110 15.21 -6.27 -34.36
C VAL A 110 16.54 -5.53 -34.36
N THR A 111 16.92 -4.96 -33.21
CA THR A 111 18.19 -4.25 -33.11
C THR A 111 19.36 -5.19 -33.33
N ARG A 112 19.31 -6.39 -32.75
CA ARG A 112 20.38 -7.35 -32.96
C ARG A 112 20.46 -7.78 -34.42
N GLU A 113 19.33 -7.83 -35.11
CA GLU A 113 19.32 -8.21 -36.52
C GLU A 113 19.75 -7.09 -37.46
N PHE A 114 19.51 -5.83 -37.10
CA PHE A 114 19.74 -4.71 -38.01
C PHE A 114 20.62 -3.60 -37.44
N GLY A 115 20.80 -3.54 -36.12
CA GLY A 115 21.64 -2.50 -35.54
C GLY A 115 20.95 -1.16 -35.33
N ILE A 116 19.63 -1.12 -35.38
CA ILE A 116 18.88 0.11 -35.18
C ILE A 116 17.80 -0.13 -34.13
N GLY A 117 17.37 0.97 -33.50
CA GLY A 117 16.32 0.89 -32.50
C GLY A 117 16.79 0.75 -31.07
N ALA A 118 18.06 1.01 -30.79
CA ALA A 118 18.54 0.97 -29.41
C ALA A 118 17.84 2.01 -28.55
N GLU A 119 17.65 3.22 -29.10
CA GLU A 119 16.90 4.24 -28.38
C GLU A 119 15.46 3.80 -28.15
N ALA A 120 14.87 3.11 -29.12
CA ALA A 120 13.53 2.56 -28.93
C ALA A 120 13.50 1.53 -27.80
N ALA A 121 14.54 0.69 -27.72
CA ALA A 121 14.61 -0.30 -26.65
C ALA A 121 14.73 0.38 -25.29
N ALA A 122 15.56 1.43 -25.20
CA ALA A 122 15.68 2.18 -23.96
C ALA A 122 14.36 2.83 -23.59
N TYR A 123 13.65 3.39 -24.58
CA TYR A 123 12.36 4.00 -24.32
C TYR A 123 11.36 2.97 -23.80
N LEU A 124 11.35 1.77 -24.39
CA LEU A 124 10.43 0.74 -23.95
C LEU A 124 10.77 0.25 -22.55
N LEU A 125 12.05 0.14 -22.22
CA LEU A 125 12.42 -0.24 -20.86
C LEU A 125 11.97 0.82 -19.86
N ALA A 126 12.18 2.10 -20.21
CA ALA A 126 11.69 3.16 -19.35
C ALA A 126 10.17 3.10 -19.23
N LEU A 127 9.50 2.76 -20.31
CA LEU A 127 8.04 2.63 -20.28
C LEU A 127 7.62 1.51 -19.35
N SER A 128 8.34 0.38 -19.38
CA SER A 128 8.02 -0.73 -18.49
C SER A 128 8.18 -0.31 -17.04
N ASP A 129 9.30 0.33 -16.70
CA ASP A 129 9.49 0.79 -15.34
C ASP A 129 8.41 1.80 -14.96
N LEU A 130 8.06 2.69 -15.88
CA LEU A 130 7.06 3.70 -15.60
C LEU A 130 5.70 3.07 -15.33
N LEU A 131 5.33 2.05 -16.11
CA LEU A 131 4.06 1.40 -15.88
C LEU A 131 4.03 0.66 -14.55
N PHE A 132 5.13 0.00 -14.20
CA PHE A 132 5.20 -0.64 -12.89
C PHE A 132 5.03 0.38 -11.78
N LEU A 133 5.72 1.52 -11.90
CA LEU A 133 5.61 2.57 -10.90
C LEU A 133 4.20 3.12 -10.84
N LEU A 134 3.55 3.29 -11.99
CA LEU A 134 2.19 3.81 -11.99
C LEU A 134 1.23 2.86 -11.29
N ALA A 135 1.40 1.56 -11.52
CA ALA A 135 0.56 0.58 -10.83
C ALA A 135 0.75 0.67 -9.32
N ARG A 136 2.00 0.73 -8.87
CA ARG A 136 2.24 0.82 -7.44
C ARG A 136 1.70 2.13 -6.87
N VAL A 137 1.79 3.22 -7.65
CA VAL A 137 1.27 4.50 -7.19
C VAL A 137 -0.24 4.44 -7.03
N ILE A 138 -0.92 3.80 -7.98
CA ILE A 138 -2.38 3.67 -7.86
C ILE A 138 -2.74 2.86 -6.61
N GLU A 139 -1.99 1.78 -6.36
CA GLU A 139 -2.25 1.00 -5.16
C GLU A 139 -2.06 1.84 -3.90
N ILE A 140 -0.99 2.64 -3.86
CA ILE A 140 -0.73 3.47 -2.70
C ILE A 140 -1.81 4.53 -2.53
N GLU A 141 -2.29 5.08 -3.65
CA GLU A 141 -3.36 6.07 -3.57
C GLU A 141 -4.64 5.46 -3.01
N LEU A 142 -4.97 4.23 -3.44
CA LEU A 142 -6.13 3.56 -2.88
C LEU A 142 -5.94 3.31 -1.38
N GLY A 143 -4.75 2.91 -0.96
CA GLY A 143 -4.49 2.74 0.46
C GLY A 143 -4.65 4.03 1.23
N LYS A 144 -4.20 5.14 0.64
CA LYS A 144 -4.32 6.43 1.29
C LYS A 144 -5.79 6.83 1.43
N LYS A 145 -6.59 6.58 0.40
CA LYS A 145 -8.02 6.85 0.50
C LYS A 145 -8.67 5.97 1.57
N LEU A 146 -8.20 4.72 1.69
CA LEU A 146 -8.69 3.87 2.76
C LEU A 146 -8.34 4.44 4.14
N LEU A 147 -7.13 4.96 4.29
CA LEU A 147 -6.75 5.60 5.55
C LEU A 147 -7.63 6.81 5.83
N GLU A 148 -7.90 7.60 4.79
CA GLU A 148 -8.79 8.76 4.95
C GLU A 148 -10.18 8.32 5.40
N ALA A 149 -10.71 7.26 4.79
CA ALA A 149 -12.03 6.77 5.18
C ALA A 149 -12.02 6.26 6.62
N ALA A 150 -10.97 5.56 7.00
CA ALA A 150 -10.86 5.08 8.38
C ALA A 150 -10.83 6.23 9.37
N ARG A 151 -10.09 7.29 9.04
CA ARG A 151 -10.06 8.46 9.90
C ARG A 151 -11.42 9.12 9.98
N ALA A 152 -12.14 9.19 8.85
CA ALA A 152 -13.51 9.68 8.88
C ALA A 152 -14.42 8.78 9.69
N GLY A 153 -14.28 7.47 9.55
CA GLY A 153 -14.98 6.52 10.37
C GLY A 153 -16.36 6.12 9.90
N GLN A 154 -16.84 6.65 8.77
CA GLN A 154 -18.17 6.29 8.26
C GLN A 154 -17.92 5.29 7.14
N ASP A 155 -18.52 4.10 7.28
CA ASP A 155 -17.89 2.88 6.78
C ASP A 155 -18.12 2.64 5.28
N ASP A 156 -18.95 3.45 4.64
CA ASP A 156 -19.29 3.16 3.24
C ASP A 156 -18.07 3.19 2.34
N GLU A 157 -17.23 4.23 2.48
CA GLU A 157 -16.00 4.26 1.70
C GLU A 157 -15.10 3.09 2.08
N VAL A 158 -15.05 2.76 3.36
CA VAL A 158 -14.21 1.66 3.82
C VAL A 158 -14.58 0.37 3.10
N ARG A 159 -15.87 0.04 3.09
CA ARG A 159 -16.30 -1.23 2.51
C ARG A 159 -16.17 -1.20 0.98
N ILE A 160 -16.49 -0.07 0.34
CA ILE A 160 -16.41 -0.02 -1.12
C ILE A 160 -14.96 -0.12 -1.57
N LEU A 161 -14.03 0.46 -0.80
CA LEU A 161 -12.62 0.39 -1.17
C LEU A 161 -12.06 -0.99 -0.88
N MET A 162 -12.46 -1.59 0.25
CA MET A 162 -11.94 -2.90 0.62
C MET A 162 -12.43 -3.98 -0.34
N ALA A 163 -13.68 -3.86 -0.79
CA ALA A 163 -14.16 -4.77 -1.82
C ALA A 163 -13.45 -4.53 -3.15
N ASN A 164 -12.99 -3.30 -3.37
CA ASN A 164 -12.32 -2.94 -4.62
C ASN A 164 -10.87 -3.40 -4.66
N GLY A 165 -10.36 -3.98 -3.58
CA GLY A 165 -9.02 -4.53 -3.56
C GLY A 165 -7.98 -3.64 -2.94
N ALA A 166 -8.35 -2.53 -2.30
CA ALA A 166 -7.38 -1.69 -1.63
C ALA A 166 -6.68 -2.48 -0.53
N ASP A 167 -5.38 -2.20 -0.35
CA ASP A 167 -4.57 -2.96 0.59
C ASP A 167 -5.10 -2.75 2.01
N VAL A 168 -5.43 -3.84 2.69
CA VAL A 168 -5.97 -3.75 4.04
C VAL A 168 -4.91 -3.31 5.04
N ASN A 169 -3.66 -3.75 4.89
CA ASN A 169 -2.61 -3.47 5.84
C ASN A 169 -1.65 -2.38 5.37
N ALA A 170 -2.11 -1.49 4.49
CA ALA A 170 -1.32 -0.32 4.14
C ALA A 170 -1.19 0.59 5.35
N HIS A 171 -0.10 1.35 5.38
CA HIS A 171 0.20 2.19 6.53
C HIS A 171 0.60 3.58 6.07
N ASP A 172 0.33 4.54 6.95
CA ASP A 172 0.75 5.92 6.76
C ASP A 172 2.25 6.01 7.03
N ASP A 173 2.86 7.17 6.76
CA ASP A 173 4.28 7.35 7.06
C ASP A 173 4.57 7.22 8.55
N GLN A 174 3.57 7.43 9.41
CA GLN A 174 3.70 7.20 10.84
C GLN A 174 3.67 5.71 11.16
N GLY A 175 3.23 4.87 10.23
CA GLY A 175 3.15 3.44 10.47
C GLY A 175 1.80 2.94 10.94
N SER A 176 0.77 3.78 10.91
CA SER A 176 -0.54 3.38 11.41
C SER A 176 -1.36 2.72 10.30
N THR A 177 -1.79 1.50 10.56
CA THR A 177 -2.70 0.77 9.67
C THR A 177 -4.10 1.33 9.80
N PRO A 178 -5.00 1.02 8.85
CA PRO A 178 -6.39 1.43 9.03
C PRO A 178 -7.01 0.90 10.30
N LEU A 179 -6.54 -0.23 10.80
CA LEU A 179 -6.98 -0.73 12.10
C LEU A 179 -6.63 0.26 13.21
N HIS A 180 -5.43 0.82 13.15
CA HIS A 180 -5.02 1.80 14.16
C HIS A 180 -5.95 3.00 14.14
N LEU A 181 -6.23 3.53 12.95
CA LEU A 181 -7.11 4.69 12.84
C LEU A 181 -8.51 4.37 13.31
N ALA A 182 -9.02 3.19 12.94
CA ALA A 182 -10.36 2.80 13.36
C ALA A 182 -10.45 2.68 14.87
N ALA A 183 -9.42 2.11 15.50
CA ALA A 183 -9.39 2.05 16.95
C ALA A 183 -9.33 3.45 17.56
N TRP A 184 -8.56 4.34 16.94
CA TRP A 184 -8.37 5.67 17.50
C TRP A 184 -9.66 6.47 17.44
N ILE A 185 -10.36 6.44 16.31
CA ILE A 185 -11.57 7.23 16.16
C ILE A 185 -12.71 6.63 16.97
N GLY A 186 -12.82 5.31 17.00
CA GLY A 186 -13.87 4.67 17.77
C GLY A 186 -15.06 4.21 16.95
N HIS A 187 -14.80 3.62 15.79
CA HIS A 187 -15.83 3.01 14.96
C HIS A 187 -15.53 1.51 14.85
N PRO A 188 -16.17 0.69 15.70
CA PRO A 188 -15.85 -0.75 15.69
C PRO A 188 -16.22 -1.45 14.39
N GLU A 189 -17.39 -1.16 13.82
CA GLU A 189 -17.88 -1.92 12.69
C GLU A 189 -16.82 -2.02 11.59
N ILE A 190 -16.11 -0.93 11.35
CA ILE A 190 -14.95 -0.98 10.47
C ILE A 190 -13.92 -1.96 10.99
N VAL A 191 -13.72 -2.01 12.31
CA VAL A 191 -12.72 -2.91 12.87
C VAL A 191 -13.07 -4.36 12.57
N GLU A 192 -14.32 -4.75 12.79
CA GLU A 192 -14.70 -6.12 12.46
C GLU A 192 -14.57 -6.38 10.96
N VAL A 193 -15.10 -5.48 10.13
CA VAL A 193 -15.13 -5.78 8.70
C VAL A 193 -13.71 -5.90 8.16
N LEU A 194 -12.76 -5.14 8.72
CA LEU A 194 -11.38 -5.26 8.30
C LEU A 194 -10.76 -6.55 8.85
N LEU A 195 -11.06 -6.89 10.11
CA LEU A 195 -10.46 -8.08 10.71
C LEU A 195 -10.96 -9.36 10.05
N LYS A 196 -12.11 -9.30 9.39
CA LYS A 196 -12.66 -10.49 8.75
C LYS A 196 -11.73 -11.03 7.67
N HIS A 197 -11.13 -10.14 6.88
CA HIS A 197 -10.38 -10.54 5.70
C HIS A 197 -8.88 -10.62 5.95
N GLY A 198 -8.46 -11.00 7.15
CA GLY A 198 -7.07 -11.25 7.43
C GLY A 198 -6.27 -10.07 7.94
N ALA A 199 -6.92 -9.05 8.49
CA ALA A 199 -6.19 -7.93 9.06
C ALA A 199 -5.34 -8.40 10.24
N ASP A 200 -4.08 -7.96 10.25
CA ASP A 200 -3.13 -8.38 11.28
C ASP A 200 -3.38 -7.59 12.55
N VAL A 201 -3.88 -8.27 13.59
CA VAL A 201 -4.18 -7.62 14.86
C VAL A 201 -2.92 -7.13 15.54
N ASN A 202 -1.75 -7.68 15.18
CA ASN A 202 -0.50 -7.40 15.88
C ASN A 202 0.38 -6.43 15.11
N ALA A 203 -0.21 -5.59 14.27
CA ALA A 203 0.57 -4.64 13.49
C ALA A 203 1.23 -3.62 14.40
N ARG A 204 2.48 -3.27 14.08
CA ARG A 204 3.29 -2.37 14.88
C ARG A 204 3.54 -1.08 14.12
N ASP A 205 3.26 0.05 14.76
CA ASP A 205 3.52 1.35 14.16
C ASP A 205 4.96 1.77 14.46
N THR A 206 5.33 2.98 14.06
CA THR A 206 6.64 3.49 14.38
C THR A 206 6.74 4.00 15.82
N ASP A 207 5.60 4.23 16.49
CA ASP A 207 5.59 4.71 17.86
C ASP A 207 5.46 3.59 18.89
N GLY A 208 5.49 2.33 18.46
CA GLY A 208 5.37 1.21 19.35
C GLY A 208 3.95 0.85 19.73
N TRP A 209 2.96 1.58 19.22
CA TRP A 209 1.57 1.32 19.59
C TRP A 209 0.94 0.30 18.67
N THR A 210 0.44 -0.78 19.26
CA THR A 210 -0.39 -1.71 18.54
C THR A 210 -1.83 -1.23 18.53
N PRO A 211 -2.69 -1.76 17.65
CA PRO A 211 -4.10 -1.35 17.68
C PRO A 211 -4.74 -1.56 19.04
N LEU A 212 -4.39 -2.65 19.73
CA LEU A 212 -5.01 -2.95 21.00
C LEU A 212 -4.54 -1.99 22.09
N HIS A 213 -3.24 -1.65 22.12
CA HIS A 213 -2.76 -0.69 23.12
C HIS A 213 -3.45 0.65 22.97
N LEU A 214 -3.48 1.20 21.75
CA LEU A 214 -4.07 2.51 21.55
C LEU A 214 -5.58 2.47 21.76
N ALA A 215 -6.23 1.38 21.35
CA ALA A 215 -7.66 1.25 21.54
C ALA A 215 -8.02 1.21 23.02
N ALA A 216 -7.24 0.48 23.82
CA ALA A 216 -7.46 0.47 25.26
C ALA A 216 -7.11 1.82 25.86
N ASP A 217 -6.20 2.56 25.21
CA ASP A 217 -5.85 3.90 25.69
C ASP A 217 -7.02 4.85 25.57
N ASN A 218 -7.87 4.65 24.56
CA ASN A 218 -9.06 5.49 24.37
C ASN A 218 -10.26 5.01 25.18
N GLY A 219 -10.11 3.91 25.92
CA GLY A 219 -11.20 3.43 26.74
C GLY A 219 -12.35 2.81 25.99
N HIS A 220 -12.10 2.26 24.80
CA HIS A 220 -13.16 1.66 23.98
C HIS A 220 -13.21 0.17 24.28
N LEU A 221 -14.17 -0.19 25.15
CA LEU A 221 -14.33 -1.58 25.55
C LEU A 221 -14.64 -2.48 24.37
N GLU A 222 -15.56 -2.03 23.50
CA GLU A 222 -16.05 -2.90 22.43
C GLU A 222 -14.94 -3.25 21.45
N ILE A 223 -14.18 -2.24 21.01
CA ILE A 223 -13.11 -2.50 20.05
C ILE A 223 -12.05 -3.40 20.67
N VAL A 224 -11.71 -3.16 21.94
CA VAL A 224 -10.69 -3.96 22.60
C VAL A 224 -11.13 -5.41 22.71
N GLU A 225 -12.38 -5.65 23.11
CA GLU A 225 -12.86 -7.02 23.26
C GLU A 225 -12.96 -7.72 21.91
N VAL A 226 -13.33 -6.98 20.87
CA VAL A 226 -13.33 -7.54 19.52
C VAL A 226 -11.91 -7.95 19.12
N LEU A 227 -10.94 -7.09 19.40
CA LEU A 227 -9.55 -7.45 19.11
C LEU A 227 -9.15 -8.71 19.86
N LEU A 228 -9.51 -8.79 21.15
CA LEU A 228 -9.13 -9.94 21.96
C LEU A 228 -9.72 -11.23 21.43
N LYS A 229 -11.00 -11.24 21.03
CA LYS A 229 -11.54 -12.49 20.50
C LYS A 229 -10.86 -12.86 19.18
N TYR A 230 -10.29 -11.88 18.49
CA TYR A 230 -9.55 -12.13 17.26
C TYR A 230 -8.08 -12.40 17.51
N GLY A 231 -7.72 -12.95 18.66
CA GLY A 231 -6.36 -13.33 18.94
C GLY A 231 -5.40 -12.20 19.25
N ALA A 232 -5.88 -11.08 19.77
CA ALA A 232 -5.00 -9.99 20.12
C ALA A 232 -4.02 -10.42 21.22
N ASP A 233 -2.79 -9.94 21.13
CA ASP A 233 -1.76 -10.27 22.11
C ASP A 233 -2.08 -9.54 23.40
N VAL A 234 -2.48 -10.30 24.42
CA VAL A 234 -2.90 -9.70 25.68
C VAL A 234 -1.72 -9.07 26.42
N ASN A 235 -0.48 -9.48 26.11
CA ASN A 235 0.69 -8.96 26.78
C ASN A 235 1.74 -8.44 25.81
N ALA A 236 1.32 -7.90 24.66
CA ALA A 236 2.27 -7.26 23.75
C ALA A 236 2.87 -6.02 24.40
N GLN A 237 4.15 -5.78 24.13
CA GLN A 237 4.89 -4.69 24.73
C GLN A 237 5.23 -3.64 23.68
N ASP A 238 5.10 -2.37 24.07
CA ASP A 238 5.31 -1.26 23.15
C ASP A 238 6.80 -0.90 23.09
N ALA A 239 7.10 0.26 22.48
CA ALA A 239 8.49 0.71 22.40
C ALA A 239 9.03 1.12 23.76
N TYR A 240 8.16 1.33 24.74
CA TYR A 240 8.57 1.61 26.11
C TYR A 240 8.41 0.40 27.03
N GLY A 241 8.10 -0.77 26.47
CA GLY A 241 7.93 -1.97 27.27
C GLY A 241 6.59 -2.10 27.96
N LEU A 242 5.66 -1.17 27.71
CA LEU A 242 4.36 -1.22 28.37
C LEU A 242 3.49 -2.31 27.79
N THR A 243 2.82 -3.04 28.66
CA THR A 243 1.79 -3.99 28.28
C THR A 243 0.45 -3.28 28.25
N PRO A 244 -0.60 -3.91 27.69
CA PRO A 244 -1.92 -3.26 27.69
C PRO A 244 -2.41 -2.88 29.06
N LEU A 245 -2.10 -3.67 30.09
CA LEU A 245 -2.62 -3.41 31.42
C LEU A 245 -2.04 -2.12 32.00
N HIS A 246 -0.79 -1.82 31.69
CA HIS A 246 -0.18 -0.60 32.21
C HIS A 246 -0.92 0.64 31.73
N LEU A 247 -1.14 0.74 30.42
CA LEU A 247 -1.86 1.89 29.88
C LEU A 247 -3.33 1.87 30.29
N ALA A 248 -3.89 0.66 30.47
CA ALA A 248 -5.24 0.58 31.00
C ALA A 248 -5.34 1.19 32.38
N ALA A 249 -4.35 0.91 33.23
CA ALA A 249 -4.32 1.50 34.57
C ALA A 249 -3.98 2.98 34.51
N ASP A 250 -3.31 3.41 33.43
CA ASP A 250 -2.92 4.81 33.32
C ASP A 250 -4.13 5.73 33.29
N ARG A 251 -5.18 5.34 32.56
CA ARG A 251 -6.42 6.12 32.59
C ARG A 251 -7.49 5.49 33.47
N GLY A 252 -7.16 4.45 34.22
CA GLY A 252 -8.08 3.91 35.21
C GLY A 252 -9.33 3.27 34.65
N HIS A 253 -9.23 2.53 33.55
CA HIS A 253 -10.36 1.78 33.00
C HIS A 253 -10.43 0.42 33.70
N LEU A 254 -11.27 0.36 34.73
CA LEU A 254 -11.42 -0.87 35.50
C LEU A 254 -11.97 -2.00 34.64
N GLU A 255 -12.96 -1.70 33.79
CA GLU A 255 -13.55 -2.72 32.95
C GLU A 255 -12.53 -3.27 31.95
N ILE A 256 -11.74 -2.39 31.33
CA ILE A 256 -10.68 -2.84 30.45
C ILE A 256 -9.68 -3.70 31.21
N VAL A 257 -9.34 -3.28 32.44
CA VAL A 257 -8.37 -4.02 33.25
C VAL A 257 -8.88 -5.43 33.52
N GLU A 258 -10.14 -5.56 33.94
CA GLU A 258 -10.67 -6.88 34.26
C GLU A 258 -10.83 -7.74 33.02
N VAL A 259 -11.19 -7.13 31.89
CA VAL A 259 -11.26 -7.88 30.64
C VAL A 259 -9.88 -8.42 30.28
N LEU A 260 -8.86 -7.58 30.36
CA LEU A 260 -7.51 -8.02 30.03
C LEU A 260 -7.05 -9.11 30.98
N LEU A 261 -7.36 -8.97 32.28
CA LEU A 261 -7.01 -10.01 33.24
C LEU A 261 -7.70 -11.32 32.91
N LYS A 262 -8.96 -11.26 32.47
CA LYS A 262 -9.65 -12.46 32.05
C LYS A 262 -8.95 -13.14 30.87
N HIS A 263 -8.21 -12.38 30.07
CA HIS A 263 -7.59 -12.91 28.87
C HIS A 263 -6.08 -13.08 28.99
N GLY A 264 -5.55 -13.15 30.22
CA GLY A 264 -4.17 -13.50 30.43
C GLY A 264 -3.20 -12.35 30.62
N ALA A 265 -3.69 -11.14 30.90
CA ALA A 265 -2.78 -10.02 31.15
C ALA A 265 -1.98 -10.27 32.42
N ASP A 266 -0.72 -9.84 32.40
CA ASP A 266 0.18 -10.00 33.54
C ASP A 266 0.10 -8.75 34.40
N VAL A 267 -0.39 -8.91 35.64
CA VAL A 267 -0.56 -7.77 36.53
C VAL A 267 0.77 -7.15 36.93
N ASN A 268 1.82 -7.96 37.05
CA ASN A 268 3.11 -7.49 37.54
C ASN A 268 4.17 -7.38 36.45
N ALA A 269 3.78 -7.06 35.22
CA ALA A 269 4.76 -6.90 34.16
C ALA A 269 5.65 -5.69 34.43
N GLN A 270 6.90 -5.77 33.96
CA GLN A 270 7.84 -4.66 34.05
C GLN A 270 7.96 -3.96 32.69
N ASP A 271 7.91 -2.63 32.72
CA ASP A 271 8.20 -1.81 31.56
C ASP A 271 9.67 -1.39 31.59
N LYS A 272 10.05 -0.47 30.71
CA LYS A 272 11.42 0.03 30.72
C LYS A 272 11.75 0.76 32.01
N PHE A 273 10.83 1.56 32.54
CA PHE A 273 11.08 2.25 33.80
C PHE A 273 10.93 1.33 35.00
N GLY A 274 10.39 0.13 34.79
CA GLY A 274 10.20 -0.83 35.88
C GLY A 274 8.85 -0.76 36.54
N LYS A 275 7.94 0.09 36.08
CA LYS A 275 6.65 0.25 36.73
C LYS A 275 5.73 -0.93 36.42
N THR A 276 5.01 -1.39 37.45
CA THR A 276 4.04 -2.45 37.29
C THR A 276 2.63 -1.87 37.38
N ALA A 277 1.69 -2.52 36.70
CA ALA A 277 0.34 -2.01 36.60
C ALA A 277 -0.31 -1.86 37.98
N PHE A 278 -0.10 -2.85 38.85
CA PHE A 278 -0.62 -2.76 40.22
C PHE A 278 -0.02 -1.55 40.94
N ASP A 279 1.29 -1.35 40.78
CA ASP A 279 1.93 -0.20 41.39
C ASP A 279 1.45 1.09 40.75
N ILE A 280 1.16 1.06 39.45
CA ILE A 280 0.59 2.23 38.78
C ILE A 280 -0.75 2.58 39.42
N SER A 281 -1.60 1.58 39.66
CA SER A 281 -2.86 1.82 40.33
C SER A 281 -2.66 2.37 41.74
N ILE A 282 -1.70 1.83 42.48
CA ILE A 282 -1.41 2.34 43.82
C ILE A 282 -0.99 3.81 43.75
N ASP A 283 -0.24 4.18 42.70
CA ASP A 283 0.31 5.53 42.62
C ASP A 283 -0.77 6.59 42.47
N ASN A 284 -1.79 6.32 41.66
CA ASN A 284 -2.81 7.32 41.39
C ASN A 284 -3.87 7.41 42.49
N GLY A 285 -3.81 6.54 43.48
CA GLY A 285 -4.77 6.62 44.58
C GLY A 285 -6.10 5.96 44.33
N ASN A 286 -6.23 5.16 43.28
CA ASN A 286 -7.46 4.40 43.05
C ASN A 286 -7.32 3.03 43.71
N GLU A 287 -8.27 2.71 44.59
CA GLU A 287 -8.10 1.54 45.45
C GLU A 287 -8.89 0.35 44.94
N ASP A 288 -10.06 0.60 44.33
CA ASP A 288 -10.85 -0.50 43.78
C ASP A 288 -10.10 -1.20 42.65
N LEU A 289 -9.40 -0.42 41.81
CA LEU A 289 -8.61 -1.03 40.75
C LEU A 289 -7.51 -1.92 41.30
N ALA A 290 -6.81 -1.44 42.35
CA ALA A 290 -5.78 -2.26 42.99
C ALA A 290 -6.37 -3.52 43.59
N GLU A 291 -7.54 -3.42 44.22
CA GLU A 291 -8.20 -4.61 44.75
C GLU A 291 -8.52 -5.61 43.63
N ILE A 292 -8.99 -5.11 42.49
CA ILE A 292 -9.26 -5.99 41.36
C ILE A 292 -7.95 -6.55 40.80
N LEU A 293 -6.90 -5.73 40.76
CA LEU A 293 -5.60 -6.18 40.27
C LEU A 293 -4.92 -7.17 41.19
N GLN A 294 -5.42 -7.36 42.41
CA GLN A 294 -4.79 -8.25 43.37
C GLN A 294 -5.66 -9.48 43.60
#